data_3SPE
#
_entry.id   3SPE
#
_cell.length_a   70.892
_cell.length_b   156.715
_cell.length_c   61.003
_cell.angle_alpha   90.000
_cell.angle_beta   90.000
_cell.angle_gamma   90.000
#
_symmetry.space_group_name_H-M   'P 21 21 2'
#
loop_
_entity.id
_entity.type
_entity.pdbx_description
1 polymer PHIKZ029
2 non-polymer 'PHOSPHATE ION'
3 non-polymer GLYCEROL
4 water water
#
_entity_poly.entity_id   1
_entity_poly.type   'polypeptide(L)'
_entity_poly.pdbx_seq_one_letter_code
;LRPEDAANPSRLIVAIEIVEDEIPLTIRRLSGFNYPNSVRDIGNAPVPTTDKVDGLKARIILIEDNTSEVGTQRVLPGTL
VSDKDGSQSLVYPLFEAPVSFFGKLGDSNG(MSE)RVWSTTTADIEEFDEAA(MSE)AKFKTRQFRIQLIEKPEVGTSPV
IVKTADQQDYLNITFDKGVYSD(MSE)YNADLYVGDVLVDSYSDDGVVSGLSPLYSPFSQFYVYHENIDLVRQ(MSE)IY
DTE(MSE)RVNPAAAAHTTAPGEIDFLTFLAVDGDPYQGIQVLGPLDGGITLGKDGNIYASGGTDGTTDLEEYAK
;
_entity_poly.pdbx_strand_id   A,B
#
loop_
_chem_comp.id
_chem_comp.type
_chem_comp.name
_chem_comp.formula
GOL non-polymer GLYCEROL 'C3 H8 O3'
PO4 non-polymer 'PHOSPHATE ION' 'O4 P -3'
#
# COMPACT_ATOMS: atom_id res chain seq x y z
N ALA A 7 13.26 -0.72 2.75
CA ALA A 7 13.90 0.12 3.75
C ALA A 7 13.33 1.53 3.76
N ASN A 8 13.04 2.07 2.57
CA ASN A 8 12.65 3.47 2.45
C ASN A 8 11.47 3.68 1.53
N PRO A 9 10.47 4.46 1.97
CA PRO A 9 9.32 4.70 1.10
C PRO A 9 9.71 5.56 -0.08
N SER A 10 8.93 5.46 -1.16
CA SER A 10 9.12 6.34 -2.29
C SER A 10 8.61 7.67 -1.80
N ARG A 11 8.91 8.74 -2.53
CA ARG A 11 8.38 10.03 -2.11
C ARG A 11 8.19 11.01 -3.29
N LEU A 12 7.20 11.88 -3.17
CA LEU A 12 6.94 12.91 -4.17
C LEU A 12 7.21 14.24 -3.50
N ILE A 13 8.15 15.02 -4.02
CA ILE A 13 8.29 16.39 -3.57
C ILE A 13 8.11 17.27 -4.78
N VAL A 14 7.16 18.21 -4.72
CA VAL A 14 6.91 19.15 -5.82
C VAL A 14 7.45 20.49 -5.47
N ALA A 15 8.17 21.09 -6.40
CA ALA A 15 8.78 22.41 -6.17
C ALA A 15 8.62 23.31 -7.39
N ILE A 16 8.88 24.60 -7.20
CA ILE A 16 8.82 25.54 -8.30
C ILE A 16 10.10 26.33 -8.39
N GLU A 17 10.69 26.36 -9.58
CA GLU A 17 11.88 27.15 -9.82
C GLU A 17 11.43 28.46 -10.44
N ILE A 18 11.81 29.57 -9.81
CA ILE A 18 11.52 30.89 -10.37
C ILE A 18 12.75 31.82 -10.41
N VAL A 19 12.80 32.66 -11.45
CA VAL A 19 13.77 33.76 -11.57
C VAL A 19 13.09 34.98 -12.19
N GLU A 20 13.62 36.17 -11.88
CA GLU A 20 13.24 37.42 -12.57
C GLU A 20 13.88 37.48 -13.96
N ASP A 21 13.08 37.69 -14.99
CA ASP A 21 13.63 37.95 -16.32
C ASP A 21 12.66 38.71 -17.22
N GLU A 22 13.19 39.20 -18.35
CA GLU A 22 12.42 39.75 -19.45
C GLU A 22 11.76 38.60 -20.26
N ILE A 23 10.47 38.48 -20.20
CA ILE A 23 9.83 37.41 -20.89
C ILE A 23 9.16 38.06 -22.06
N PRO A 24 8.44 37.29 -22.84
CA PRO A 24 7.57 37.88 -23.85
C PRO A 24 6.15 38.13 -23.34
N LEU A 25 5.47 39.15 -23.80
CA LEU A 25 4.13 39.39 -23.25
C LEU A 25 2.94 39.03 -24.12
N THR A 26 3.20 38.38 -25.24
CA THR A 26 2.13 37.93 -26.10
C THR A 26 1.24 36.95 -25.34
N LYS A 52 10.27 43.19 -24.69
CA LYS A 52 9.60 42.27 -23.79
C LYS A 52 8.85 43.01 -22.69
N VAL A 53 9.13 42.62 -21.45
CA VAL A 53 8.56 43.22 -20.23
C VAL A 53 9.15 42.49 -19.04
N ASP A 54 9.09 43.11 -17.87
CA ASP A 54 9.74 42.53 -16.71
C ASP A 54 8.75 41.75 -15.86
N GLY A 55 8.98 40.44 -15.77
CA GLY A 55 8.15 39.51 -15.04
C GLY A 55 8.93 38.31 -14.52
N LEU A 56 8.44 37.11 -14.77
CA LEU A 56 9.00 35.90 -14.15
C LEU A 56 9.13 34.71 -15.08
N LYS A 57 10.22 33.95 -14.91
CA LYS A 57 10.44 32.67 -15.58
C LYS A 57 10.26 31.56 -14.56
N ALA A 58 9.30 30.66 -14.79
CA ALA A 58 8.99 29.63 -13.82
C ALA A 58 8.97 28.26 -14.43
N ARG A 59 9.27 27.25 -13.62
CA ARG A 59 9.08 25.87 -14.00
C ARG A 59 8.87 24.91 -12.84
N ILE A 60 7.92 24.01 -12.99
CA ILE A 60 7.68 23.01 -11.96
C ILE A 60 8.74 21.95 -12.07
N ILE A 61 9.28 21.55 -10.92
CA ILE A 61 10.27 20.49 -10.85
C ILE A 61 10.00 19.54 -9.68
N LEU A 62 10.61 18.36 -9.73
CA LEU A 62 10.52 17.38 -8.65
C LEU A 62 11.85 17.25 -7.92
N ILE A 63 11.81 17.22 -6.60
CA ILE A 63 13.00 16.96 -5.81
C ILE A 63 13.04 15.51 -5.38
N GLU A 64 14.16 14.84 -5.61
CA GLU A 64 14.32 13.44 -5.24
C GLU A 64 15.07 13.26 -3.93
N ASP A 65 14.32 13.09 -2.86
CA ASP A 65 14.87 12.86 -1.53
C ASP A 65 13.89 11.98 -0.73
N ASN A 66 14.36 10.80 -0.30
CA ASN A 66 13.62 9.97 0.65
C ASN A 66 14.38 9.85 1.95
N THR A 67 15.51 10.53 2.03
CA THR A 67 16.35 10.57 3.23
C THR A 67 15.85 11.56 4.29
N SER A 68 15.71 12.82 3.90
CA SER A 68 15.39 13.86 4.85
C SER A 68 14.08 13.55 5.50
N GLU A 69 13.88 14.07 6.70
CA GLU A 69 12.59 13.96 7.37
C GLU A 69 11.63 14.79 6.53
N VAL A 70 10.39 14.35 6.45
CA VAL A 70 9.39 15.05 5.67
C VAL A 70 9.27 16.45 6.28
N GLY A 71 9.12 17.47 5.43
CA GLY A 71 8.92 18.84 5.88
C GLY A 71 10.20 19.61 6.19
N THR A 72 11.31 19.16 5.64
CA THR A 72 12.58 19.81 5.89
C THR A 72 13.34 20.09 4.61
N GLN A 73 12.62 20.22 3.51
CA GLN A 73 13.25 20.71 2.30
C GLN A 73 13.47 22.20 2.47
N ARG A 74 14.50 22.74 1.85
CA ARG A 74 14.84 24.16 1.96
C ARG A 74 14.65 24.85 0.62
N VAL A 75 14.35 26.16 0.65
CA VAL A 75 14.46 27.01 -0.53
C VAL A 75 15.93 27.19 -0.90
N LEU A 76 16.27 26.81 -2.13
CA LEU A 76 17.66 26.75 -2.56
C LEU A 76 17.81 27.27 -4.00
N PRO A 77 18.99 27.77 -4.37
CA PRO A 77 19.26 28.24 -5.73
C PRO A 77 19.21 27.10 -6.74
N GLY A 78 18.45 27.27 -7.81
CA GLY A 78 18.33 26.25 -8.84
C GLY A 78 19.37 26.49 -9.90
N THR A 79 19.21 25.86 -11.06
CA THR A 79 20.20 25.99 -12.12
C THR A 79 19.89 27.10 -13.13
N LEU A 80 18.75 27.75 -12.97
CA LEU A 80 18.33 28.76 -13.92
C LEU A 80 19.07 30.07 -13.67
N VAL A 81 19.44 30.75 -14.75
CA VAL A 81 19.99 32.10 -14.64
C VAL A 81 19.14 33.06 -15.43
N SER A 82 19.37 34.35 -15.23
CA SER A 82 18.51 35.36 -15.83
C SER A 82 19.22 36.16 -16.91
N ASP A 83 18.66 36.16 -18.12
CA ASP A 83 19.24 36.85 -19.27
C ASP A 83 19.30 38.33 -19.01
N LYS A 84 18.36 38.84 -18.23
CA LYS A 84 18.29 40.27 -17.91
C LYS A 84 19.48 40.76 -17.07
N ASP A 85 19.60 40.23 -15.84
CA ASP A 85 20.48 40.82 -14.83
C ASP A 85 21.46 39.87 -14.15
N GLY A 86 21.62 38.66 -14.69
CA GLY A 86 22.54 37.70 -14.09
C GLY A 86 22.08 37.08 -12.76
N SER A 87 20.85 37.36 -12.35
CA SER A 87 20.37 36.73 -11.12
C SER A 87 20.08 35.26 -11.30
N GLN A 88 20.01 34.56 -10.18
CA GLN A 88 19.93 33.12 -10.12
C GLN A 88 18.54 32.72 -9.65
N SER A 89 18.02 31.60 -10.16
CA SER A 89 16.72 31.11 -9.78
C SER A 89 16.76 30.57 -8.37
N LEU A 90 15.62 30.53 -7.71
CA LEU A 90 15.47 29.80 -6.46
C LEU A 90 14.45 28.66 -6.64
N VAL A 91 14.57 27.62 -5.82
CA VAL A 91 13.69 26.48 -5.89
C VAL A 91 12.92 26.38 -4.59
N TYR A 92 11.59 26.44 -4.69
CA TYR A 92 10.77 26.47 -3.50
C TYR A 92 10.02 25.17 -3.37
N PRO A 93 10.37 24.35 -2.36
CA PRO A 93 9.54 23.18 -2.16
C PRO A 93 8.14 23.67 -1.90
N LEU A 94 7.15 23.04 -2.52
CA LEU A 94 5.76 23.42 -2.37
C LEU A 94 5.02 22.42 -1.53
N PHE A 95 5.04 21.15 -1.95
CA PHE A 95 4.51 20.07 -1.12
C PHE A 95 5.25 18.72 -1.20
N GLU A 96 4.92 17.84 -0.29
CA GLU A 96 5.71 16.63 -0.10
C GLU A 96 4.85 15.49 0.39
N ALA A 97 4.90 14.36 -0.32
CA ALA A 97 4.05 13.22 0.01
C ALA A 97 4.80 11.88 -0.05
N PRO A 98 5.03 11.25 1.12
CA PRO A 98 5.59 9.89 1.20
C PRO A 98 4.55 8.80 0.90
N VAL A 99 4.97 7.76 0.21
CA VAL A 99 4.17 6.56 -0.01
C VAL A 99 4.02 5.74 1.29
N SER A 100 2.92 5.02 1.41
CA SER A 100 2.54 4.33 2.64
C SER A 100 3.36 3.07 2.91
N PHE A 101 3.94 2.48 1.87
CA PHE A 101 4.56 1.17 2.03
C PHE A 101 5.95 1.05 1.42
N PHE A 102 6.80 0.22 2.04
CA PHE A 102 8.17 0.04 1.59
C PHE A 102 8.20 -0.41 0.14
N GLY A 103 9.30 -0.14 -0.54
CA GLY A 103 9.55 -0.83 -1.79
C GLY A 103 9.61 0.02 -3.03
N LYS A 104 10.33 -0.48 -4.02
CA LYS A 104 10.45 0.21 -5.30
C LYS A 104 9.12 0.29 -6.02
N LEU A 105 8.16 -0.55 -5.61
CA LEU A 105 6.85 -0.55 -6.25
C LEU A 105 6.07 0.72 -5.91
N GLY A 106 6.39 1.32 -4.77
CA GLY A 106 5.80 2.61 -4.40
C GLY A 106 6.03 3.67 -5.46
N ASP A 107 7.02 3.46 -6.32
CA ASP A 107 7.32 4.36 -7.44
C ASP A 107 6.24 4.27 -8.52
N SER A 108 5.28 3.37 -8.32
CA SER A 108 4.16 3.23 -9.24
C SER A 108 3.02 4.15 -8.83
N ASN A 109 3.11 4.66 -7.61
CA ASN A 109 2.20 5.71 -7.13
C ASN A 109 2.63 7.09 -7.58
N GLY A 110 1.65 7.94 -7.87
CA GLY A 110 1.88 9.31 -8.28
C GLY A 110 0.57 10.08 -8.25
N MSE A 111 0.56 11.30 -8.80
CA MSE A 111 -0.66 12.08 -8.80
C MSE A 111 -0.81 13.14 -9.89
O MSE A 111 0.10 13.35 -10.69
CB MSE A 111 -0.86 12.72 -7.43
CG MSE A 111 0.40 13.29 -6.86
SE MSE A 111 0.10 14.16 -5.15
CE MSE A 111 -0.23 12.63 -4.00
N ARG A 112 -1.98 13.77 -9.92
CA ARG A 112 -2.29 14.89 -10.78
C ARG A 112 -2.92 16.01 -9.95
N VAL A 113 -2.81 17.24 -10.46
CA VAL A 113 -3.19 18.45 -9.74
C VAL A 113 -3.49 19.51 -10.76
N TRP A 114 -4.55 20.25 -10.54
CA TRP A 114 -4.91 21.33 -11.43
C TRP A 114 -5.82 22.31 -10.74
N SER A 115 -5.75 23.57 -11.17
CA SER A 115 -6.53 24.66 -10.59
C SER A 115 -7.90 24.72 -11.23
N THR A 116 -8.85 25.33 -10.53
CA THR A 116 -10.19 25.52 -11.06
C THR A 116 -10.30 26.82 -11.85
N THR A 117 -11.34 26.95 -12.66
CA THR A 117 -11.50 28.11 -13.53
C THR A 117 -12.95 28.42 -13.84
N THR A 118 -13.32 29.70 -13.82
CA THR A 118 -14.68 30.10 -14.15
C THR A 118 -14.73 30.09 -15.67
N ALA A 119 -14.23 29.02 -16.26
CA ALA A 119 -14.25 28.85 -17.71
C ALA A 119 -14.70 27.41 -17.95
N ASP A 120 -14.50 26.50 -17.01
CA ASP A 120 -14.97 25.14 -17.32
C ASP A 120 -16.33 24.48 -17.21
N ILE A 121 -16.50 23.45 -18.01
CA ILE A 121 -17.57 22.48 -17.85
C ILE A 121 -18.05 22.14 -16.43
N GLU A 122 -17.14 21.80 -15.53
CA GLU A 122 -17.48 21.58 -14.14
C GLU A 122 -17.55 22.97 -13.56
N GLU A 123 -18.26 23.12 -12.44
CA GLU A 123 -18.05 24.31 -11.63
C GLU A 123 -17.39 23.97 -10.31
N PHE A 124 -17.21 24.98 -9.46
CA PHE A 124 -16.43 24.83 -8.23
C PHE A 124 -16.98 25.82 -7.22
N ASP A 125 -16.47 25.82 -5.99
CA ASP A 125 -17.14 26.63 -4.97
C ASP A 125 -16.68 28.09 -5.00
N GLU A 126 -17.29 28.85 -5.91
CA GLU A 126 -16.95 30.25 -6.18
C GLU A 126 -17.13 31.18 -4.98
N ALA A 127 -18.14 30.92 -4.15
CA ALA A 127 -18.38 31.69 -2.95
C ALA A 127 -17.38 31.31 -1.86
N ALA A 128 -16.96 30.07 -1.85
CA ALA A 128 -15.96 29.66 -0.89
C ALA A 128 -14.68 30.40 -1.18
N MSE A 129 -14.27 30.40 -2.44
CA MSE A 129 -13.08 31.14 -2.83
C MSE A 129 -13.24 32.56 -2.43
O MSE A 129 -12.41 33.12 -1.73
CB MSE A 129 -12.88 31.11 -4.34
CG MSE A 129 -11.94 32.21 -4.80
SE MSE A 129 -11.29 31.98 -6.59
CE MSE A 129 -12.99 31.95 -7.55
N ALA A 130 -14.34 33.16 -2.89
CA ALA A 130 -14.62 34.54 -2.55
C ALA A 130 -14.32 34.74 -1.08
N LYS A 131 -15.13 34.09 -0.24
CA LYS A 131 -15.07 34.29 1.20
C LYS A 131 -13.64 34.21 1.73
N PHE A 132 -12.94 33.14 1.40
CA PHE A 132 -11.61 32.91 1.95
C PHE A 132 -10.46 33.42 1.11
N LYS A 133 -10.78 34.00 -0.04
CA LYS A 133 -9.75 34.58 -0.90
C LYS A 133 -8.63 33.59 -1.14
N THR A 134 -9.00 32.36 -1.52
CA THR A 134 -8.02 31.38 -1.91
C THR A 134 -8.49 30.60 -3.10
N ARG A 135 -7.59 29.78 -3.65
CA ARG A 135 -7.84 29.08 -4.91
C ARG A 135 -8.22 27.61 -4.70
N GLN A 136 -9.11 27.11 -5.55
CA GLN A 136 -9.57 25.75 -5.43
C GLN A 136 -8.87 24.88 -6.44
N PHE A 137 -8.42 23.72 -5.98
CA PHE A 137 -7.63 22.84 -6.79
C PHE A 137 -8.24 21.46 -6.76
N ARG A 138 -7.93 20.69 -7.81
CA ARG A 138 -8.32 19.31 -7.86
C ARG A 138 -7.07 18.46 -7.92
N ILE A 139 -6.97 17.50 -7.00
CA ILE A 139 -5.88 16.54 -7.02
C ILE A 139 -6.44 15.15 -7.23
N GLN A 140 -5.81 14.35 -8.09
CA GLN A 140 -6.18 12.94 -8.18
C GLN A 140 -4.99 12.02 -8.12
N LEU A 141 -5.10 10.98 -7.30
CA LEU A 141 -4.06 9.95 -7.23
C LEU A 141 -4.12 8.98 -8.40
N ILE A 142 -2.97 8.48 -8.82
CA ILE A 142 -2.91 7.59 -9.97
C ILE A 142 -1.88 6.50 -9.71
N GLU A 143 -1.95 5.43 -10.51
CA GLU A 143 -0.97 4.36 -10.44
C GLU A 143 -0.55 3.90 -11.84
N LYS A 144 0.66 3.39 -11.97
CA LYS A 144 1.04 2.67 -13.18
C LYS A 144 0.59 1.22 -13.03
N PRO A 145 0.54 0.45 -14.14
CA PRO A 145 1.04 0.80 -15.47
C PRO A 145 0.18 1.80 -16.22
N GLU A 146 0.85 2.77 -16.84
CA GLU A 146 0.28 3.59 -17.88
C GLU A 146 0.59 2.87 -19.20
N SER A 150 -2.85 5.33 -20.83
CA SER A 150 -3.04 6.17 -19.65
C SER A 150 -2.82 5.47 -18.30
N PRO A 151 -2.35 6.23 -17.31
CA PRO A 151 -2.28 5.73 -15.94
C PRO A 151 -3.66 5.35 -15.42
N VAL A 152 -3.67 4.61 -14.33
CA VAL A 152 -4.88 4.22 -13.66
C VAL A 152 -5.19 5.15 -12.51
N ILE A 153 -6.45 5.53 -12.37
CA ILE A 153 -6.91 6.45 -11.32
C ILE A 153 -7.35 5.72 -10.06
N VAL A 154 -6.73 6.07 -8.94
CA VAL A 154 -7.17 5.56 -7.65
C VAL A 154 -8.34 6.38 -7.16
N LYS A 155 -9.53 5.79 -7.13
CA LYS A 155 -10.69 6.51 -6.65
C LYS A 155 -10.55 6.77 -5.15
N THR A 156 -11.20 7.83 -4.68
CA THR A 156 -11.27 8.04 -3.25
C THR A 156 -12.18 6.99 -2.64
N ALA A 157 -12.18 6.91 -1.32
CA ALA A 157 -13.05 5.97 -0.60
C ALA A 157 -14.50 6.11 -1.08
N ASP A 158 -15.09 7.29 -0.89
CA ASP A 158 -16.45 7.58 -1.35
C ASP A 158 -16.62 7.40 -2.85
N GLN A 159 -15.59 6.90 -3.52
CA GLN A 159 -15.70 6.54 -4.93
C GLN A 159 -15.80 7.70 -5.92
N GLN A 160 -15.11 8.81 -5.64
CA GLN A 160 -14.99 9.91 -6.58
C GLN A 160 -13.68 9.81 -7.33
N ASP A 161 -13.59 10.44 -8.49
CA ASP A 161 -12.39 10.35 -9.31
C ASP A 161 -11.30 11.31 -8.85
N TYR A 162 -11.70 12.29 -8.05
CA TYR A 162 -10.73 13.26 -7.60
C TYR A 162 -11.20 13.98 -6.34
N LEU A 163 -10.27 14.68 -5.70
CA LEU A 163 -10.51 15.33 -4.44
C LEU A 163 -10.38 16.82 -4.64
N ASN A 164 -11.36 17.58 -4.15
CA ASN A 164 -11.33 19.04 -4.19
C ASN A 164 -10.61 19.58 -2.98
N ILE A 165 -9.57 20.40 -3.19
CA ILE A 165 -8.75 20.87 -2.10
C ILE A 165 -8.34 22.31 -2.19
N THR A 166 -7.93 22.88 -1.07
CA THR A 166 -7.27 24.18 -1.05
C THR A 166 -5.96 23.92 -0.39
N PHE A 167 -4.92 24.68 -0.71
CA PHE A 167 -3.67 24.50 0.03
C PHE A 167 -3.66 25.33 1.30
N ASP A 168 -4.76 26.02 1.58
CA ASP A 168 -4.80 26.78 2.80
C ASP A 168 -5.76 26.21 3.81
N LYS A 169 -5.42 26.39 5.08
CA LYS A 169 -6.19 25.93 6.22
C LYS A 169 -7.45 26.74 6.40
N GLY A 170 -8.40 26.21 7.15
CA GLY A 170 -9.58 26.98 7.52
C GLY A 170 -10.69 27.11 6.49
N VAL A 171 -10.48 26.58 5.31
CA VAL A 171 -11.49 26.70 4.28
C VAL A 171 -12.52 25.60 4.45
N TYR A 172 -13.78 25.99 4.65
CA TYR A 172 -14.87 25.02 4.66
C TYR A 172 -15.91 25.32 3.59
N SER A 173 -16.27 24.29 2.84
CA SER A 173 -17.09 24.40 1.66
C SER A 173 -18.48 23.89 1.89
N ASP A 174 -19.47 24.74 1.66
CA ASP A 174 -20.86 24.34 1.78
C ASP A 174 -21.31 23.53 0.56
N MSE A 175 -20.57 23.64 -0.53
CA MSE A 175 -20.93 22.93 -1.76
C MSE A 175 -20.61 21.44 -1.62
O MSE A 175 -21.37 20.58 -2.11
CB MSE A 175 -20.17 23.54 -2.95
CG MSE A 175 -20.28 22.77 -4.27
SE MSE A 175 -19.64 23.75 -5.86
CE MSE A 175 -19.90 22.36 -7.21
N TYR A 176 -19.50 21.14 -0.97
CA TYR A 176 -19.07 19.78 -0.80
C TYR A 176 -19.19 19.38 0.68
N ASN A 177 -19.82 20.26 1.45
CA ASN A 177 -19.91 20.09 2.90
C ASN A 177 -18.72 19.43 3.56
N ALA A 178 -17.54 19.91 3.17
CA ALA A 178 -16.29 19.39 3.70
C ALA A 178 -15.24 20.45 3.99
N ASP A 179 -14.26 20.12 4.81
CA ASP A 179 -13.05 20.91 4.89
C ASP A 179 -12.28 20.63 3.62
N LEU A 180 -11.60 21.65 3.09
CA LEU A 180 -10.91 21.51 1.81
C LEU A 180 -9.41 21.44 1.95
N TYR A 181 -8.88 21.78 3.11
CA TYR A 181 -7.43 21.81 3.25
C TYR A 181 -6.78 20.44 3.01
N VAL A 182 -5.88 20.38 2.03
CA VAL A 182 -5.24 19.15 1.61
C VAL A 182 -4.66 18.35 2.77
N GLY A 183 -3.84 19.02 3.59
CA GLY A 183 -3.14 18.39 4.70
C GLY A 183 -4.09 17.65 5.62
N ASP A 184 -5.30 18.18 5.74
CA ASP A 184 -6.28 17.66 6.70
C ASP A 184 -7.20 16.59 6.13
N VAL A 185 -7.25 16.49 4.82
CA VAL A 185 -8.31 15.74 4.18
C VAL A 185 -7.90 14.66 3.18
N LEU A 186 -6.66 14.65 2.69
CA LEU A 186 -6.37 13.76 1.57
C LEU A 186 -6.20 12.32 2.03
N VAL A 187 -5.18 12.07 2.82
CA VAL A 187 -5.01 10.74 3.39
C VAL A 187 -6.36 10.23 3.86
N ASP A 188 -6.96 10.94 4.79
CA ASP A 188 -8.27 10.57 5.32
C ASP A 188 -9.27 10.17 4.23
N SER A 189 -9.25 10.88 3.10
CA SER A 189 -10.26 10.66 2.06
C SER A 189 -9.98 9.43 1.19
N TYR A 190 -8.72 9.01 1.13
CA TYR A 190 -8.38 7.85 0.32
C TYR A 190 -8.26 6.63 1.22
N SER A 191 -8.91 6.73 2.37
CA SER A 191 -8.82 5.71 3.39
C SER A 191 -10.20 5.34 3.91
N ASP A 192 -10.32 4.15 4.51
CA ASP A 192 -11.61 3.65 5.00
C ASP A 192 -11.38 2.50 5.95
N ASP A 193 -11.52 2.80 7.24
CA ASP A 193 -11.30 1.84 8.31
C ASP A 193 -12.28 0.65 8.25
N GLY A 194 -13.37 0.80 7.48
CA GLY A 194 -14.25 -0.32 7.17
C GLY A 194 -15.44 -0.49 8.09
N VAL A 195 -15.56 0.37 9.09
CA VAL A 195 -16.74 0.37 9.95
C VAL A 195 -18.21 0.39 9.61
N VAL A 196 -18.63 1.44 8.91
CA VAL A 196 -20.05 1.67 8.68
C VAL A 196 -19.94 1.32 7.20
N SER A 197 -18.74 0.94 6.77
CA SER A 197 -18.53 0.48 5.40
C SER A 197 -18.66 -1.02 5.32
N GLY A 198 -18.14 -1.71 6.32
CA GLY A 198 -18.28 -3.15 6.43
C GLY A 198 -17.32 -3.96 5.58
N LEU A 199 -16.45 -3.26 4.87
CA LEU A 199 -15.46 -3.92 4.03
C LEU A 199 -14.09 -3.93 4.70
N SER A 200 -13.12 -4.55 4.03
CA SER A 200 -11.75 -4.60 4.52
C SER A 200 -11.16 -3.20 4.58
N PRO A 201 -10.59 -2.84 5.75
CA PRO A 201 -10.06 -1.49 5.87
C PRO A 201 -9.25 -1.11 4.64
N LEU A 202 -9.51 0.09 4.12
CA LEU A 202 -8.84 0.65 2.94
C LEU A 202 -7.83 1.70 3.37
N TYR A 203 -6.64 1.66 2.78
CA TYR A 203 -5.59 2.62 3.15
C TYR A 203 -5.06 3.41 1.98
N SER A 204 -4.69 4.64 2.25
CA SER A 204 -4.23 5.57 1.24
C SER A 204 -2.84 5.17 0.77
N PRO A 205 -2.55 5.33 -0.54
CA PRO A 205 -1.21 5.10 -1.07
C PRO A 205 -0.23 6.17 -0.60
N PHE A 206 -0.72 7.31 -0.15
CA PHE A 206 0.17 8.30 0.45
C PHE A 206 -0.18 8.48 1.90
N SER A 207 0.82 8.37 2.77
CA SER A 207 0.62 8.41 4.21
C SER A 207 0.51 9.85 4.79
N GLN A 208 1.02 10.84 4.09
CA GLN A 208 0.83 12.23 4.52
C GLN A 208 1.10 13.25 3.44
N PHE A 209 0.37 14.35 3.48
CA PHE A 209 0.55 15.40 2.53
C PHE A 209 1.02 16.63 3.31
N TYR A 210 2.30 16.98 3.16
CA TYR A 210 2.91 18.09 3.87
C TYR A 210 2.93 19.26 2.95
N VAL A 211 2.43 20.40 3.41
CA VAL A 211 2.39 21.62 2.60
C VAL A 211 3.38 22.63 3.16
N TYR A 212 4.26 23.14 2.29
CA TYR A 212 5.16 24.25 2.65
C TYR A 212 4.42 25.59 2.56
N HIS A 213 3.71 25.94 3.62
CA HIS A 213 2.88 27.15 3.63
C HIS A 213 3.65 28.40 3.37
N GLU A 214 4.76 28.58 4.09
CA GLU A 214 5.55 29.79 3.96
C GLU A 214 6.05 29.92 2.52
N ASN A 215 6.64 28.85 1.99
CA ASN A 215 7.11 28.89 0.61
C ASN A 215 6.02 29.23 -0.38
N ILE A 216 4.83 28.67 -0.18
CA ILE A 216 3.71 28.92 -1.09
C ILE A 216 3.28 30.40 -1.06
N ASP A 217 3.20 30.95 0.14
CA ASP A 217 2.86 32.34 0.31
C ASP A 217 3.90 33.25 -0.37
N LEU A 218 5.18 32.90 -0.19
CA LEU A 218 6.28 33.58 -0.81
C LEU A 218 6.18 33.53 -2.32
N VAL A 219 5.84 32.36 -2.86
CA VAL A 219 5.69 32.20 -4.31
C VAL A 219 4.47 32.98 -4.84
N ARG A 220 3.36 32.95 -4.13
CA ARG A 220 2.15 33.58 -4.68
C ARG A 220 2.31 35.07 -4.73
N GLN A 221 2.87 35.63 -3.66
CA GLN A 221 3.06 37.06 -3.54
C GLN A 221 3.83 37.50 -4.75
N MSE A 222 4.95 36.84 -4.96
CA MSE A 222 5.83 37.11 -6.08
C MSE A 222 5.05 37.22 -7.39
O MSE A 222 5.24 38.17 -8.14
CB MSE A 222 6.90 36.02 -6.16
CG MSE A 222 8.20 36.46 -6.80
SE MSE A 222 9.57 35.09 -6.53
CE MSE A 222 11.03 35.93 -7.53
N ILE A 223 4.18 36.25 -7.66
CA ILE A 223 3.45 36.22 -8.93
C ILE A 223 2.30 37.23 -8.95
N TYR A 224 1.70 37.47 -7.80
CA TYR A 224 0.65 38.46 -7.65
C TYR A 224 1.22 39.84 -7.97
N ASP A 225 2.30 40.19 -7.29
CA ASP A 225 3.00 41.47 -7.50
C ASP A 225 3.37 41.64 -8.96
N THR A 226 4.24 40.78 -9.44
CA THR A 226 4.64 40.79 -10.85
C THR A 226 3.45 41.10 -11.72
N GLU A 227 2.39 40.32 -11.59
CA GLU A 227 1.28 40.50 -12.48
C GLU A 227 0.44 41.78 -12.29
N MSE A 228 0.26 42.23 -11.06
CA MSE A 228 -0.46 43.46 -10.83
C MSE A 228 0.23 44.60 -11.56
O MSE A 228 -0.40 45.45 -12.17
CB MSE A 228 -0.53 43.77 -9.34
CG MSE A 228 -1.40 42.78 -8.58
SE MSE A 228 -3.05 42.38 -9.59
CE MSE A 228 -2.50 40.66 -10.38
N ARG A 229 1.55 44.59 -11.49
CA ARG A 229 2.36 45.51 -12.25
C ARG A 229 2.22 45.32 -13.76
N VAL A 230 2.52 44.13 -14.25
CA VAL A 230 2.48 43.85 -15.69
C VAL A 230 1.12 44.09 -16.32
N ASN A 231 0.08 43.62 -15.64
CA ASN A 231 -1.27 43.56 -16.20
C ASN A 231 -2.31 43.94 -15.13
N PRO A 232 -2.46 45.25 -14.86
CA PRO A 232 -3.15 45.68 -13.64
C PRO A 232 -4.66 45.48 -13.69
N ALA A 233 -5.21 45.30 -14.88
CA ALA A 233 -6.60 44.87 -15.00
C ALA A 233 -6.83 43.53 -14.28
N ALA A 234 -5.83 42.65 -14.28
CA ALA A 234 -5.97 41.32 -13.69
C ALA A 234 -6.39 41.35 -12.21
N ALA A 235 -6.38 42.53 -11.60
CA ALA A 235 -6.78 42.66 -10.21
C ALA A 235 -8.30 42.49 -10.06
N ALA A 236 -9.00 42.36 -11.17
CA ALA A 236 -10.46 42.37 -11.16
C ALA A 236 -11.01 41.06 -10.61
N HIS A 237 -10.34 39.98 -10.96
CA HIS A 237 -10.71 38.68 -10.42
C HIS A 237 -9.59 38.09 -9.55
N THR A 238 -8.36 38.48 -9.82
CA THR A 238 -7.28 38.13 -8.91
C THR A 238 -7.07 39.25 -7.88
N THR A 239 -7.79 39.18 -6.77
CA THR A 239 -7.85 40.27 -5.80
C THR A 239 -6.95 40.03 -4.59
N ALA A 240 -6.36 38.84 -4.52
CA ALA A 240 -5.53 38.47 -3.38
C ALA A 240 -4.45 37.55 -3.88
N PRO A 241 -3.25 37.62 -3.27
CA PRO A 241 -2.14 36.70 -3.58
C PRO A 241 -2.55 35.29 -3.32
N GLY A 242 -3.54 35.12 -2.45
CA GLY A 242 -4.02 33.77 -2.14
C GLY A 242 -4.82 33.14 -3.25
N GLU A 243 -5.12 33.91 -4.28
CA GLU A 243 -5.91 33.37 -5.38
C GLU A 243 -5.07 32.92 -6.57
N ILE A 244 -3.76 33.10 -6.45
CA ILE A 244 -2.82 32.70 -7.49
C ILE A 244 -2.67 31.19 -7.65
N ASP A 245 -2.92 30.69 -8.87
CA ASP A 245 -2.60 29.30 -9.21
C ASP A 245 -1.13 29.15 -9.55
N PHE A 246 -0.36 28.70 -8.57
CA PHE A 246 1.06 28.53 -8.69
C PHE A 246 1.45 27.13 -9.18
N LEU A 247 0.57 26.45 -9.91
CA LEU A 247 0.94 25.12 -10.43
C LEU A 247 0.79 25.05 -11.93
N THR A 248 -0.31 25.60 -12.42
CA THR A 248 -0.60 25.58 -13.84
C THR A 248 -0.80 27.02 -14.34
N PHE A 249 -0.69 27.95 -13.39
CA PHE A 249 -0.52 29.36 -13.71
C PHE A 249 -1.67 29.92 -14.54
N LEU A 250 -2.84 29.37 -14.32
CA LEU A 250 -4.02 29.95 -14.89
C LEU A 250 -4.59 30.93 -13.88
N ALA A 251 -5.13 32.04 -14.38
CA ALA A 251 -5.88 32.95 -13.53
C ALA A 251 -7.29 32.42 -13.41
N VAL A 252 -8.00 32.89 -12.41
CA VAL A 252 -9.38 32.47 -12.22
C VAL A 252 -10.19 32.61 -13.52
N ASP A 253 -10.05 33.65 -14.30
CA ASP A 253 -10.88 33.79 -15.50
C ASP A 253 -10.61 32.71 -16.51
N GLY A 254 -9.47 32.07 -16.36
CA GLY A 254 -9.11 30.96 -17.22
C GLY A 254 -7.85 31.21 -17.98
N ASP A 255 -7.42 32.45 -17.93
CA ASP A 255 -6.36 32.99 -18.75
C ASP A 255 -5.00 32.90 -18.08
N PRO A 256 -3.99 32.37 -18.74
CA PRO A 256 -2.66 32.30 -18.16
C PRO A 256 -2.03 33.64 -17.88
N TYR A 257 -1.54 33.82 -16.67
CA TYR A 257 -0.97 35.09 -16.23
C TYR A 257 -0.06 35.67 -17.31
N GLN A 258 -0.08 36.99 -17.48
CA GLN A 258 0.73 37.65 -18.51
C GLN A 258 2.16 37.87 -18.03
N GLY A 259 2.36 37.82 -16.71
CA GLY A 259 3.67 38.02 -16.11
C GLY A 259 4.46 36.74 -15.88
N ILE A 260 3.95 35.61 -16.33
CA ILE A 260 4.72 34.39 -16.24
C ILE A 260 5.03 33.80 -17.60
N GLN A 261 6.19 33.18 -17.72
CA GLN A 261 6.51 32.48 -18.93
C GLN A 261 6.86 31.11 -18.42
N VAL A 262 6.02 30.12 -18.73
CA VAL A 262 6.19 28.77 -18.20
C VAL A 262 7.19 27.98 -19.03
N LEU A 263 7.94 27.11 -18.37
CA LEU A 263 8.94 26.30 -19.07
C LEU A 263 8.50 24.84 -19.03
N GLY A 264 8.17 24.28 -20.20
CA GLY A 264 7.71 22.91 -20.30
C GLY A 264 8.81 21.85 -20.31
N PRO A 265 8.52 20.68 -20.88
CA PRO A 265 9.58 19.67 -20.89
C PRO A 265 10.70 20.09 -21.82
N LEU A 266 10.35 20.80 -22.90
CA LEU A 266 11.37 21.31 -23.80
C LEU A 266 12.44 22.07 -23.03
N ASP A 267 12.06 22.68 -21.90
CA ASP A 267 12.92 23.59 -21.16
C ASP A 267 13.29 23.17 -19.71
N GLY A 268 13.20 21.89 -19.41
CA GLY A 268 13.63 21.40 -18.11
C GLY A 268 12.50 21.35 -17.09
N GLY A 269 11.28 21.50 -17.56
CA GLY A 269 10.16 21.59 -16.67
C GLY A 269 9.22 20.39 -16.66
N ILE A 270 8.18 20.54 -15.87
CA ILE A 270 7.13 19.55 -15.79
C ILE A 270 5.80 20.23 -15.96
N THR A 271 5.00 19.75 -16.90
CA THR A 271 3.63 20.18 -17.04
C THR A 271 2.72 19.44 -16.06
N LEU A 272 2.16 20.16 -15.09
CA LEU A 272 1.06 19.66 -14.28
C LEU A 272 -0.26 19.91 -15.00
N GLY A 273 -1.36 19.51 -14.38
CA GLY A 273 -2.67 19.58 -15.00
C GLY A 273 -3.35 18.20 -15.07
N LYS A 274 -4.56 18.18 -15.61
CA LYS A 274 -5.40 16.98 -15.70
C LYS A 274 -4.70 15.78 -16.32
N ASP A 275 -3.71 16.03 -17.18
CA ASP A 275 -2.96 14.96 -17.83
C ASP A 275 -1.52 14.97 -17.41
N GLY A 276 -1.22 15.70 -16.33
CA GLY A 276 0.16 15.96 -15.95
C GLY A 276 0.61 15.04 -14.85
N ASN A 277 1.20 13.92 -15.24
CA ASN A 277 1.47 12.83 -14.34
C ASN A 277 2.80 12.96 -13.61
N ILE A 278 2.76 12.91 -12.27
CA ILE A 278 3.99 12.89 -11.50
C ILE A 278 4.00 11.70 -10.52
N TYR A 279 5.14 11.04 -10.41
CA TYR A 279 5.23 9.82 -9.62
C TYR A 279 6.19 9.97 -8.48
N ALA A 280 5.89 9.35 -7.35
CA ALA A 280 6.88 9.25 -6.29
C ALA A 280 8.09 8.47 -6.78
N SER A 281 9.18 8.53 -6.02
CA SER A 281 10.41 7.90 -6.44
C SER A 281 11.35 7.61 -5.28
N GLY A 282 12.45 6.91 -5.59
CA GLY A 282 13.49 6.67 -4.63
C GLY A 282 13.22 5.51 -3.69
N GLY A 283 12.25 4.67 -4.03
CA GLY A 283 11.91 3.49 -3.25
C GLY A 283 13.05 2.50 -3.17
N THR A 284 13.33 2.02 -1.96
CA THR A 284 14.42 1.07 -1.73
C THR A 284 13.89 -0.19 -1.01
N ASP A 285 14.45 -1.36 -1.37
CA ASP A 285 13.98 -2.63 -0.82
C ASP A 285 14.84 -3.12 0.36
N GLY A 286 16.15 -3.20 0.15
CA GLY A 286 17.04 -3.66 1.19
C GLY A 286 16.70 -5.07 1.64
N ASN B 8 -12.21 -2.64 -5.99
CA ASN B 8 -12.07 -3.52 -4.83
C ASN B 8 -10.64 -4.05 -4.74
N PRO B 9 -10.16 -4.28 -3.50
CA PRO B 9 -8.77 -4.67 -3.24
C PRO B 9 -8.41 -6.10 -3.66
N SER B 10 -7.11 -6.38 -3.77
CA SER B 10 -6.65 -7.73 -4.12
C SER B 10 -6.82 -8.63 -2.91
N ARG B 11 -6.80 -9.94 -3.09
CA ARG B 11 -7.00 -10.83 -1.94
C ARG B 11 -6.28 -12.18 -1.98
N LEU B 12 -5.73 -12.56 -0.85
CA LEU B 12 -5.08 -13.85 -0.69
C LEU B 12 -5.97 -14.71 0.21
N ILE B 13 -6.27 -15.93 -0.23
CA ILE B 13 -6.98 -16.89 0.60
C ILE B 13 -6.25 -18.19 0.41
N VAL B 14 -5.88 -18.85 1.53
CA VAL B 14 -5.14 -20.12 1.49
C VAL B 14 -5.98 -21.25 2.02
N ALA B 15 -6.28 -22.24 1.19
CA ALA B 15 -7.03 -23.40 1.63
C ALA B 15 -6.23 -24.68 1.50
N ILE B 16 -6.77 -25.76 2.05
CA ILE B 16 -6.23 -27.08 1.88
C ILE B 16 -7.34 -27.96 1.43
N GLU B 17 -7.07 -28.75 0.39
CA GLU B 17 -7.97 -29.76 -0.14
C GLU B 17 -7.49 -31.07 0.43
N ILE B 18 -8.35 -31.75 1.21
CA ILE B 18 -8.05 -33.07 1.74
C ILE B 18 -9.13 -34.06 1.37
N VAL B 19 -8.71 -35.31 1.17
CA VAL B 19 -9.59 -36.45 0.95
C VAL B 19 -8.92 -37.70 1.50
N GLU B 20 -9.73 -38.64 2.00
CA GLU B 20 -9.22 -39.92 2.48
C GLU B 20 -8.84 -40.80 1.28
N ASP B 21 -7.59 -41.28 1.24
CA ASP B 21 -7.16 -42.20 0.18
C ASP B 21 -6.30 -43.32 0.72
N GLU B 22 -6.05 -44.31 -0.12
CA GLU B 22 -5.12 -45.38 0.16
C GLU B 22 -3.81 -45.01 -0.55
N ILE B 23 -2.76 -44.73 0.23
CA ILE B 23 -1.56 -44.07 -0.28
C ILE B 23 -0.26 -44.80 0.08
N PRO B 24 0.82 -44.50 -0.65
CA PRO B 24 2.04 -45.13 -0.20
C PRO B 24 2.43 -44.37 1.03
N LEU B 25 2.76 -45.07 2.09
CA LEU B 25 3.33 -44.41 3.25
C LEU B 25 4.37 -43.46 2.68
N THR B 26 4.25 -42.17 2.98
CA THR B 26 5.28 -41.22 2.52
C THR B 26 6.52 -41.32 3.41
N ILE B 27 7.20 -42.45 3.31
CA ILE B 27 8.31 -42.77 4.19
C ILE B 27 9.66 -42.53 3.50
N ASP B 51 -0.31 -52.74 -1.60
CA ASP B 51 -0.05 -52.73 -0.18
C ASP B 51 0.53 -51.40 0.26
N LYS B 52 -0.27 -50.38 -0.02
CA LYS B 52 -0.18 -49.01 0.48
C LYS B 52 -0.97 -49.14 1.77
N VAL B 53 -1.14 -48.02 2.46
CA VAL B 53 -1.93 -47.91 3.69
C VAL B 53 -3.01 -46.85 3.65
N ASP B 54 -3.84 -46.78 4.67
CA ASP B 54 -4.95 -45.82 4.65
C ASP B 54 -4.64 -44.56 5.43
N GLY B 55 -4.57 -43.44 4.69
CA GLY B 55 -4.23 -42.14 5.21
C GLY B 55 -4.92 -41.03 4.42
N LEU B 56 -4.15 -40.03 4.00
CA LEU B 56 -4.74 -38.81 3.43
C LEU B 56 -4.00 -38.26 2.20
N LYS B 57 -4.78 -37.72 1.26
CA LYS B 57 -4.25 -37.02 0.08
C LYS B 57 -4.54 -35.54 0.22
N ALA B 58 -3.49 -34.71 0.28
CA ALA B 58 -3.69 -33.30 0.54
C ALA B 58 -2.98 -32.42 -0.45
N ARG B 59 -3.53 -31.22 -0.65
CA ARG B 59 -2.85 -30.19 -1.44
C ARG B 59 -3.26 -28.76 -1.09
N ILE B 60 -2.28 -27.88 -0.97
CA ILE B 60 -2.58 -26.49 -0.71
C ILE B 60 -3.07 -25.84 -1.99
N ILE B 61 -4.14 -25.05 -1.86
CA ILE B 61 -4.71 -24.31 -2.99
C ILE B 61 -5.07 -22.88 -2.57
N LEU B 62 -5.22 -22.00 -3.57
CA LEU B 62 -5.69 -20.64 -3.37
C LEU B 62 -7.12 -20.44 -3.88
N ILE B 63 -7.95 -19.79 -3.07
CA ILE B 63 -9.28 -19.39 -3.52
C ILE B 63 -9.27 -17.95 -4.00
N GLU B 64 -9.80 -17.72 -5.19
CA GLU B 64 -9.88 -16.38 -5.75
C GLU B 64 -11.26 -15.76 -5.56
N ASP B 65 -11.37 -14.90 -4.55
CA ASP B 65 -12.61 -14.19 -4.27
C ASP B 65 -12.26 -12.90 -3.57
N ASN B 66 -12.64 -11.77 -4.18
CA ASN B 66 -12.55 -10.46 -3.55
C ASN B 66 -13.93 -9.89 -3.34
N THR B 67 -14.94 -10.67 -3.67
CA THR B 67 -16.32 -10.26 -3.53
C THR B 67 -16.84 -10.48 -2.12
N SER B 68 -16.80 -11.72 -1.66
CA SER B 68 -17.35 -12.08 -0.36
C SER B 68 -16.73 -11.24 0.73
N GLU B 69 -17.47 -11.07 1.81
CA GLU B 69 -16.96 -10.37 2.96
C GLU B 69 -15.87 -11.28 3.48
N VAL B 70 -14.80 -10.71 4.02
CA VAL B 70 -13.72 -11.51 4.59
C VAL B 70 -14.32 -12.36 5.70
N GLY B 71 -13.87 -13.62 5.81
CA GLY B 71 -14.31 -14.49 6.88
C GLY B 71 -15.58 -15.27 6.59
N THR B 72 -15.93 -15.37 5.31
CA THR B 72 -17.16 -16.05 4.94
C THR B 72 -16.93 -17.06 3.82
N GLN B 73 -15.72 -17.57 3.73
CA GLN B 73 -15.50 -18.70 2.85
C GLN B 73 -16.08 -19.92 3.54
N ARG B 74 -16.55 -20.89 2.77
CA ARG B 74 -17.09 -22.11 3.31
C ARG B 74 -16.25 -23.34 2.97
N VAL B 75 -16.27 -24.35 3.84
CA VAL B 75 -15.77 -25.68 3.50
C VAL B 75 -16.65 -26.30 2.41
N LEU B 76 -16.04 -26.64 1.27
CA LEU B 76 -16.78 -27.07 0.08
C LEU B 76 -16.06 -28.19 -0.61
N PRO B 77 -16.80 -29.03 -1.37
CA PRO B 77 -16.19 -30.15 -2.09
C PRO B 77 -15.24 -29.66 -3.18
N GLY B 78 -14.01 -30.16 -3.20
CA GLY B 78 -13.06 -29.81 -4.26
C GLY B 78 -13.17 -30.79 -5.43
N THR B 79 -12.15 -30.80 -6.28
CA THR B 79 -12.25 -31.59 -7.50
C THR B 79 -11.58 -32.93 -7.33
N LEU B 80 -10.98 -33.17 -6.17
CA LEU B 80 -10.26 -34.42 -5.97
C LEU B 80 -11.21 -35.58 -5.68
N VAL B 81 -10.84 -36.75 -6.16
CA VAL B 81 -11.64 -37.95 -5.99
C VAL B 81 -10.72 -38.98 -5.36
N SER B 82 -11.28 -40.04 -4.76
CA SER B 82 -10.46 -41.03 -4.05
C SER B 82 -10.48 -42.41 -4.69
N ASP B 83 -9.30 -43.02 -4.85
CA ASP B 83 -9.21 -44.43 -5.24
C ASP B 83 -10.05 -45.28 -4.30
N LYS B 84 -9.64 -45.32 -3.03
CA LYS B 84 -10.25 -46.17 -2.02
C LYS B 84 -11.78 -46.40 -2.01
N ASP B 85 -12.55 -45.32 -2.00
CA ASP B 85 -14.00 -45.39 -1.78
C ASP B 85 -14.73 -44.42 -2.71
N GLY B 86 -13.98 -43.67 -3.50
CA GLY B 86 -14.59 -42.76 -4.46
C GLY B 86 -15.06 -41.43 -3.88
N SER B 87 -14.95 -41.29 -2.56
CA SER B 87 -15.30 -40.05 -1.92
C SER B 87 -14.66 -38.84 -2.64
N GLN B 88 -15.25 -37.68 -2.46
CA GLN B 88 -14.68 -36.45 -2.97
C GLN B 88 -14.02 -35.64 -1.87
N SER B 89 -12.98 -34.93 -2.28
CA SER B 89 -12.21 -34.06 -1.41
C SER B 89 -12.59 -32.62 -1.07
N LEU B 90 -13.03 -32.40 0.16
CA LEU B 90 -13.25 -31.07 0.68
C LEU B 90 -12.14 -30.02 0.73
N VAL B 91 -12.54 -28.76 0.62
CA VAL B 91 -11.61 -27.67 0.59
C VAL B 91 -11.87 -26.81 1.81
N TYR B 92 -10.86 -26.67 2.66
CA TYR B 92 -11.03 -25.95 3.90
C TYR B 92 -10.33 -24.60 3.82
N PRO B 93 -11.08 -23.49 3.76
CA PRO B 93 -10.37 -22.24 3.87
C PRO B 93 -9.60 -22.26 5.18
N LEU B 94 -8.35 -21.81 5.14
CA LEU B 94 -7.50 -21.81 6.33
C LEU B 94 -7.30 -20.39 6.84
N PHE B 95 -6.80 -19.51 5.97
CA PHE B 95 -6.74 -18.07 6.26
C PHE B 95 -6.97 -17.14 5.06
N GLU B 96 -7.13 -15.86 5.37
CA GLU B 96 -7.59 -14.91 4.37
C GLU B 96 -7.07 -13.51 4.68
N ALA B 97 -6.44 -12.89 3.69
CA ALA B 97 -5.79 -11.59 3.87
C ALA B 97 -6.03 -10.64 2.70
N PRO B 98 -6.85 -9.60 2.91
CA PRO B 98 -7.02 -8.51 1.95
C PRO B 98 -5.85 -7.54 1.92
N VAL B 99 -5.48 -7.09 0.72
CA VAL B 99 -4.52 -6.00 0.53
C VAL B 99 -5.07 -4.62 0.98
N SER B 100 -4.18 -3.73 1.40
CA SER B 100 -4.55 -2.47 2.05
C SER B 100 -5.10 -1.44 1.06
N PHE B 101 -4.72 -1.56 -0.20
CA PHE B 101 -5.02 -0.48 -1.15
C PHE B 101 -5.60 -0.94 -2.48
N PHE B 102 -6.48 -0.12 -3.04
CA PHE B 102 -7.16 -0.46 -4.29
C PHE B 102 -6.15 -0.77 -5.36
N GLY B 103 -6.53 -1.50 -6.38
CA GLY B 103 -5.70 -1.61 -7.54
C GLY B 103 -5.12 -2.96 -7.91
N LYS B 104 -4.99 -3.19 -9.21
CA LYS B 104 -4.40 -4.42 -9.70
C LYS B 104 -2.95 -4.56 -9.22
N LEU B 105 -2.35 -3.46 -8.81
CA LEU B 105 -0.97 -3.51 -8.29
C LEU B 105 -0.89 -4.27 -6.97
N GLY B 106 -2.00 -4.28 -6.22
CA GLY B 106 -2.05 -5.07 -4.99
C GLY B 106 -1.73 -6.52 -5.22
N ASP B 107 -1.86 -6.96 -6.47
CA ASP B 107 -1.54 -8.33 -6.89
C ASP B 107 -0.03 -8.57 -6.88
N SER B 108 0.74 -7.53 -6.59
CA SER B 108 2.18 -7.65 -6.46
C SER B 108 2.56 -8.00 -5.02
N ASN B 109 1.61 -7.84 -4.11
CA ASN B 109 1.74 -8.32 -2.74
C ASN B 109 1.44 -9.80 -2.60
N GLY B 110 2.17 -10.48 -1.71
CA GLY B 110 2.01 -11.89 -1.43
C GLY B 110 2.78 -12.27 -0.20
N MSE B 111 2.89 -13.56 0.10
CA MSE B 111 3.62 -13.99 1.28
C MSE B 111 4.25 -15.38 1.23
O MSE B 111 4.10 -16.10 0.25
CB MSE B 111 2.75 -13.84 2.50
CG MSE B 111 1.35 -14.28 2.28
SE MSE B 111 0.24 -14.14 3.87
CE MSE B 111 0.08 -12.23 4.05
N ARG B 112 4.98 -15.72 2.30
CA ARG B 112 5.55 -17.04 2.52
C ARG B 112 5.26 -17.45 3.95
N VAL B 113 5.27 -18.77 4.19
CA VAL B 113 4.83 -19.37 5.45
C VAL B 113 5.49 -20.71 5.57
N TRP B 114 5.98 -21.02 6.77
CA TRP B 114 6.60 -22.30 6.99
C TRP B 114 6.64 -22.63 8.46
N SER B 115 6.62 -23.91 8.77
CA SER B 115 6.60 -24.40 10.14
C SER B 115 8.00 -24.46 10.71
N THR B 116 8.10 -24.49 12.04
CA THR B 116 9.40 -24.63 12.69
C THR B 116 9.72 -26.11 12.92
N THR B 117 10.99 -26.40 13.17
CA THR B 117 11.43 -27.77 13.34
C THR B 117 12.64 -27.89 14.26
N THR B 118 12.65 -28.92 15.10
CA THR B 118 13.78 -29.18 16.00
C THR B 118 14.96 -29.72 15.21
N ALA B 119 14.97 -29.45 13.92
CA ALA B 119 16.04 -29.89 13.05
C ALA B 119 16.58 -28.69 12.28
N ASP B 120 16.38 -27.51 12.86
CA ASP B 120 16.61 -26.28 12.12
C ASP B 120 17.95 -25.59 12.36
N ILE B 121 18.34 -24.80 11.37
CA ILE B 121 19.29 -23.74 11.61
C ILE B 121 19.02 -22.75 12.75
N GLU B 122 17.77 -22.29 12.83
CA GLU B 122 17.33 -21.31 13.81
C GLU B 122 16.75 -22.10 14.98
N GLU B 123 16.70 -21.46 16.14
CA GLU B 123 15.98 -21.99 17.27
C GLU B 123 14.60 -21.37 17.21
N PHE B 124 13.65 -21.97 17.92
CA PHE B 124 12.29 -21.43 18.05
C PHE B 124 11.83 -21.65 19.49
N ASP B 125 10.65 -21.18 19.88
CA ASP B 125 10.32 -21.25 21.29
C ASP B 125 9.70 -22.59 21.67
N GLU B 126 10.59 -23.55 21.93
CA GLU B 126 10.23 -24.93 22.21
C GLU B 126 9.40 -25.13 23.49
N ALA B 127 9.68 -24.35 24.51
CA ALA B 127 8.89 -24.36 25.74
C ALA B 127 7.54 -23.69 25.53
N ALA B 128 7.49 -22.66 24.70
CA ALA B 128 6.20 -22.06 24.38
C ALA B 128 5.30 -23.08 23.72
N MSE B 129 5.81 -23.74 22.72
CA MSE B 129 5.03 -24.75 22.06
C MSE B 129 4.67 -25.93 22.99
O MSE B 129 3.57 -26.41 22.95
CB MSE B 129 5.71 -25.10 20.77
CG MSE B 129 6.04 -23.83 19.92
SE MSE B 129 4.60 -22.54 19.58
CE MSE B 129 4.33 -22.83 17.67
N ALA B 130 5.58 -26.34 23.84
CA ALA B 130 5.30 -27.30 24.88
C ALA B 130 4.09 -26.83 25.67
N LYS B 131 4.26 -25.73 26.39
CA LYS B 131 3.24 -25.20 27.27
C LYS B 131 1.87 -25.16 26.59
N PHE B 132 1.81 -24.53 25.41
CA PHE B 132 0.53 -24.31 24.77
C PHE B 132 0.12 -25.40 23.77
N LYS B 133 0.98 -26.39 23.59
CA LYS B 133 0.68 -27.50 22.69
C LYS B 133 0.20 -26.99 21.35
N THR B 134 0.97 -26.08 20.78
CA THR B 134 0.70 -25.63 19.43
C THR B 134 1.97 -25.45 18.64
N ARG B 135 1.82 -25.15 17.35
CA ARG B 135 2.96 -25.12 16.44
C ARG B 135 3.41 -23.70 16.10
N GLN B 136 4.72 -23.52 15.95
CA GLN B 136 5.26 -22.22 15.64
C GLN B 136 5.60 -22.07 14.19
N PHE B 137 5.16 -20.96 13.61
CA PHE B 137 5.27 -20.74 12.19
C PHE B 137 5.99 -19.44 11.92
N ARG B 138 6.63 -19.38 10.76
CA ARG B 138 7.20 -18.15 10.30
C ARG B 138 6.48 -17.69 9.04
N ILE B 139 6.02 -16.44 9.05
CA ILE B 139 5.42 -15.87 7.87
C ILE B 139 6.23 -14.65 7.41
N GLN B 140 6.51 -14.55 6.11
CA GLN B 140 7.11 -13.33 5.63
C GLN B 140 6.38 -12.76 4.43
N LEU B 141 6.11 -11.45 4.48
CA LEU B 141 5.51 -10.75 3.34
C LEU B 141 6.54 -10.49 2.24
N ILE B 142 6.08 -10.51 1.00
CA ILE B 142 6.95 -10.30 -0.13
C ILE B 142 6.26 -9.43 -1.14
N GLU B 143 7.04 -8.89 -2.09
CA GLU B 143 6.50 -8.15 -3.22
C GLU B 143 7.12 -8.61 -4.53
N LYS B 144 6.27 -8.71 -5.56
CA LYS B 144 6.66 -9.36 -6.79
C LYS B 144 7.79 -8.51 -7.28
N PRO B 145 8.89 -9.16 -7.71
CA PRO B 145 10.15 -8.46 -7.91
C PRO B 145 10.04 -7.41 -9.00
N GLY B 148 12.70 -8.61 -10.93
CA GLY B 148 13.17 -9.97 -10.73
C GLY B 148 13.49 -10.87 -11.91
N THR B 149 12.89 -12.05 -11.95
CA THR B 149 11.85 -12.46 -10.99
C THR B 149 12.34 -13.24 -9.76
N SER B 150 12.79 -12.52 -8.73
CA SER B 150 13.08 -13.12 -7.41
C SER B 150 12.57 -12.24 -6.26
N PRO B 151 11.43 -12.63 -5.68
CA PRO B 151 10.66 -11.81 -4.75
C PRO B 151 11.49 -10.93 -3.84
N VAL B 152 10.95 -9.74 -3.60
CA VAL B 152 11.49 -8.82 -2.64
C VAL B 152 10.76 -8.99 -1.31
N ILE B 153 11.53 -8.98 -0.23
CA ILE B 153 11.00 -9.17 1.11
C ILE B 153 10.63 -7.85 1.77
N VAL B 154 9.38 -7.72 2.20
CA VAL B 154 8.97 -6.57 2.99
C VAL B 154 9.33 -6.79 4.45
N LYS B 155 10.30 -6.03 4.94
CA LYS B 155 10.70 -6.19 6.33
C LYS B 155 9.58 -5.71 7.23
N THR B 156 9.55 -6.22 8.45
CA THR B 156 8.64 -5.73 9.44
C THR B 156 9.10 -4.34 9.88
N ALA B 157 8.26 -3.66 10.65
CA ALA B 157 8.61 -2.35 11.15
C ALA B 157 9.96 -2.40 11.88
N ASP B 158 10.03 -3.20 12.93
CA ASP B 158 11.27 -3.38 13.70
C ASP B 158 12.40 -3.90 12.84
N GLN B 159 12.17 -4.04 11.54
CA GLN B 159 13.25 -4.40 10.62
C GLN B 159 13.72 -5.85 10.67
N GLN B 160 12.81 -6.79 10.93
CA GLN B 160 13.12 -8.22 10.83
C GLN B 160 12.67 -8.77 9.49
N ASP B 161 13.23 -9.91 9.08
CA ASP B 161 12.92 -10.43 7.75
C ASP B 161 11.61 -11.20 7.78
N TYR B 162 11.18 -11.58 8.98
CA TYR B 162 9.99 -12.39 9.07
C TYR B 162 9.38 -12.30 10.45
N LEU B 163 8.13 -12.73 10.55
CA LEU B 163 7.36 -12.66 11.78
C LEU B 163 7.10 -14.08 12.29
N ASN B 164 7.36 -14.29 13.58
CA ASN B 164 7.07 -15.56 14.27
C ASN B 164 5.63 -15.56 14.77
N ILE B 165 4.85 -16.55 14.36
CA ILE B 165 3.44 -16.57 14.70
C ILE B 165 2.92 -17.94 15.09
N THR B 166 1.78 -17.96 15.77
CA THR B 166 1.04 -19.20 15.97
C THR B 166 -0.31 -18.91 15.36
N PHE B 167 -1.02 -19.91 14.87
CA PHE B 167 -2.39 -19.64 14.39
C PHE B 167 -3.37 -19.77 15.53
N ASP B 168 -2.89 -19.98 16.73
CA ASP B 168 -3.82 -20.04 17.84
C ASP B 168 -3.65 -18.87 18.80
N LYS B 169 -4.79 -18.45 19.36
CA LYS B 169 -4.86 -17.38 20.34
C LYS B 169 -4.17 -17.74 21.65
N GLY B 170 -3.88 -16.75 22.47
CA GLY B 170 -3.43 -16.98 23.84
C GLY B 170 -1.97 -17.33 24.01
N VAL B 171 -1.24 -17.49 22.91
CA VAL B 171 0.14 -17.90 23.03
C VAL B 171 1.01 -16.69 23.29
N TYR B 172 1.73 -16.70 24.40
CA TYR B 172 2.71 -15.66 24.63
C TYR B 172 4.11 -16.24 24.82
N SER B 173 5.06 -15.63 24.13
CA SER B 173 6.41 -16.12 24.04
C SER B 173 7.41 -15.29 24.83
N ASP B 174 8.09 -15.92 25.76
CA ASP B 174 9.12 -15.26 26.54
C ASP B 174 10.41 -15.08 25.74
N MSE B 175 10.57 -15.84 24.67
CA MSE B 175 11.76 -15.76 23.84
C MSE B 175 11.75 -14.50 22.99
O MSE B 175 12.78 -13.87 22.78
CB MSE B 175 11.88 -17.01 22.95
CG MSE B 175 12.96 -16.96 21.89
SE MSE B 175 13.36 -18.70 21.02
CE MSE B 175 14.67 -18.12 19.70
N TYR B 176 10.57 -14.13 22.49
CA TYR B 176 10.42 -12.96 21.64
C TYR B 176 9.63 -11.88 22.39
N ASN B 177 9.43 -12.13 23.68
CA ASN B 177 8.57 -11.28 24.48
C ASN B 177 7.35 -10.65 23.81
N ALA B 178 6.69 -11.45 22.99
CA ALA B 178 5.50 -11.02 22.27
C ALA B 178 4.34 -11.99 22.28
N ASP B 179 3.14 -11.48 21.97
CA ASP B 179 2.04 -12.36 21.60
C ASP B 179 2.36 -12.93 20.21
N LEU B 180 2.03 -14.20 19.99
CA LEU B 180 2.36 -14.84 18.73
C LEU B 180 1.17 -15.00 17.76
N TYR B 181 -0.04 -14.87 18.26
CA TYR B 181 -1.19 -15.10 17.40
C TYR B 181 -1.22 -14.17 16.19
N VAL B 182 -1.25 -14.77 15.00
CA VAL B 182 -1.20 -14.05 13.73
C VAL B 182 -2.23 -12.92 13.64
N GLY B 183 -3.49 -13.25 13.90
CA GLY B 183 -4.57 -12.30 13.81
C GLY B 183 -4.37 -11.03 14.60
N ASP B 184 -3.65 -11.16 15.72
CA ASP B 184 -3.46 -10.07 16.66
C ASP B 184 -2.17 -9.28 16.41
N VAL B 185 -1.27 -9.83 15.62
CA VAL B 185 0.07 -9.27 15.57
C VAL B 185 0.61 -8.90 14.19
N LEU B 186 0.04 -9.40 13.10
CA LEU B 186 0.76 -9.24 11.82
C LEU B 186 0.62 -7.84 11.26
N VAL B 187 -0.61 -7.43 10.95
CA VAL B 187 -0.84 -6.05 10.53
C VAL B 187 -0.06 -5.13 11.45
N ASP B 188 -0.38 -5.18 12.73
CA ASP B 188 0.33 -4.34 13.70
C ASP B 188 1.84 -4.34 13.51
N SER B 189 2.42 -5.48 13.16
CA SER B 189 3.87 -5.58 13.13
C SER B 189 4.49 -4.99 11.86
N TYR B 190 3.71 -4.92 10.80
CA TYR B 190 4.22 -4.41 9.53
C TYR B 190 3.77 -2.96 9.38
N SER B 191 3.46 -2.35 10.51
CA SER B 191 2.96 -1.00 10.55
C SER B 191 3.70 -0.17 11.58
N ASP B 192 3.64 1.15 11.42
CA ASP B 192 4.36 2.09 12.30
C ASP B 192 3.76 3.45 12.07
N ASP B 193 2.74 3.82 12.84
CA ASP B 193 2.06 5.08 12.61
C ASP B 193 2.99 6.29 12.71
N GLY B 194 4.26 6.03 13.03
CA GLY B 194 5.30 7.05 12.99
C GLY B 194 5.28 7.96 14.19
N VAL B 195 4.34 7.71 15.11
CA VAL B 195 4.23 8.53 16.31
C VAL B 195 5.48 8.47 17.21
N VAL B 196 5.92 7.28 17.60
CA VAL B 196 7.16 7.19 18.37
C VAL B 196 8.34 7.43 17.47
N SER B 197 8.51 6.55 16.48
CA SER B 197 9.59 6.64 15.51
C SER B 197 9.80 8.06 15.04
N GLY B 198 8.75 8.72 14.61
CA GLY B 198 8.92 9.96 13.90
C GLY B 198 9.24 9.78 12.46
N LEU B 199 8.81 8.64 11.93
CA LEU B 199 8.90 8.40 10.49
C LEU B 199 7.58 8.65 9.75
N SER B 200 7.66 8.73 8.44
CA SER B 200 6.47 8.78 7.64
C SER B 200 5.72 7.52 8.04
N PRO B 201 4.44 7.65 8.45
CA PRO B 201 3.67 6.50 8.91
C PRO B 201 3.70 5.36 7.90
N LEU B 202 3.77 4.13 8.38
CA LEU B 202 3.89 2.94 7.53
C LEU B 202 2.70 1.99 7.67
N TYR B 203 2.15 1.58 6.53
CA TYR B 203 0.99 0.70 6.53
C TYR B 203 1.42 -0.68 6.08
N SER B 204 0.96 -1.69 6.79
CA SER B 204 1.02 -3.03 6.30
C SER B 204 0.39 -3.14 4.89
N PRO B 205 1.03 -3.89 4.00
CA PRO B 205 0.44 -4.22 2.71
C PRO B 205 -0.81 -5.08 2.87
N PHE B 206 -0.97 -5.74 4.00
CA PHE B 206 -2.21 -6.45 4.27
C PHE B 206 -2.93 -5.80 5.42
N SER B 207 -4.22 -5.51 5.21
CA SER B 207 -5.02 -4.81 6.21
C SER B 207 -5.61 -5.71 7.31
N GLN B 208 -5.69 -7.02 7.06
CA GLN B 208 -6.13 -7.93 8.11
C GLN B 208 -5.84 -9.39 7.79
N PHE B 209 -5.53 -10.14 8.83
CA PHE B 209 -5.26 -11.55 8.67
C PHE B 209 -6.36 -12.27 9.42
N TYR B 210 -7.26 -12.93 8.68
CA TYR B 210 -8.39 -13.65 9.25
C TYR B 210 -8.04 -15.09 9.29
N VAL B 211 -8.23 -15.74 10.43
CA VAL B 211 -7.92 -17.17 10.56
C VAL B 211 -9.19 -17.99 10.73
N TYR B 212 -9.37 -19.01 9.89
CA TYR B 212 -10.47 -19.96 10.06
C TYR B 212 -10.12 -20.98 11.14
N HIS B 213 -10.38 -20.62 12.39
CA HIS B 213 -10.04 -21.48 13.53
C HIS B 213 -10.71 -22.82 13.48
N GLU B 214 -12.01 -22.84 13.23
CA GLU B 214 -12.74 -24.10 13.23
C GLU B 214 -12.22 -25.01 12.15
N ASN B 215 -12.10 -24.47 10.94
CA ASN B 215 -11.53 -25.26 9.85
C ASN B 215 -10.16 -25.82 10.14
N ILE B 216 -9.29 -24.99 10.72
CA ILE B 216 -7.96 -25.44 11.09
C ILE B 216 -7.97 -26.58 12.11
N ASP B 217 -8.78 -26.43 13.15
CA ASP B 217 -8.94 -27.49 14.12
C ASP B 217 -9.44 -28.79 13.48
N LEU B 218 -10.42 -28.66 12.60
CA LEU B 218 -10.95 -29.77 11.83
C LEU B 218 -9.86 -30.43 11.00
N VAL B 219 -9.02 -29.63 10.34
CA VAL B 219 -7.95 -30.19 9.51
C VAL B 219 -6.87 -30.86 10.35
N ARG B 220 -6.51 -30.27 11.48
CA ARG B 220 -5.41 -30.85 12.26
C ARG B 220 -5.81 -32.17 12.84
N GLN B 221 -7.01 -32.23 13.40
CA GLN B 221 -7.51 -33.44 14.05
C GLN B 221 -7.37 -34.53 13.06
N MSE B 222 -7.91 -34.28 11.87
CA MSE B 222 -7.90 -35.23 10.79
C MSE B 222 -6.50 -35.81 10.57
O MSE B 222 -6.35 -37.03 10.45
CB MSE B 222 -8.41 -34.56 9.51
CG MSE B 222 -9.02 -35.50 8.49
SE MSE B 222 -9.92 -34.51 7.09
CE MSE B 222 -10.53 -36.00 5.98
N ILE B 223 -5.50 -34.95 10.55
CA ILE B 223 -4.14 -35.40 10.25
C ILE B 223 -3.48 -36.07 11.45
N TYR B 224 -3.80 -35.58 12.63
CA TYR B 224 -3.35 -36.17 13.89
C TYR B 224 -3.85 -37.59 13.99
N ASP B 225 -5.15 -37.77 13.84
CA ASP B 225 -5.78 -39.10 13.89
C ASP B 225 -5.16 -40.04 12.90
N THR B 226 -5.29 -39.70 11.62
CA THR B 226 -4.67 -40.48 10.56
C THR B 226 -3.28 -40.93 10.97
N GLU B 227 -2.44 -40.00 11.38
CA GLU B 227 -1.08 -40.38 11.66
C GLU B 227 -0.87 -41.20 12.92
N MSE B 228 -1.61 -40.92 13.98
CA MSE B 228 -1.48 -41.72 15.18
C MSE B 228 -1.75 -43.17 14.86
O MSE B 228 -1.04 -44.07 15.34
CB MSE B 228 -2.46 -41.23 16.25
CG MSE B 228 -2.14 -39.83 16.77
SE MSE B 228 -0.25 -39.56 17.09
CE MSE B 228 0.23 -38.70 15.39
N ARG B 229 -2.75 -43.41 14.03
CA ARG B 229 -3.03 -44.73 13.51
C ARG B 229 -1.89 -45.27 12.63
N VAL B 230 -1.59 -44.59 11.54
CA VAL B 230 -0.56 -45.03 10.61
C VAL B 230 0.81 -45.25 11.25
N ASN B 231 1.22 -44.32 12.09
CA ASN B 231 2.58 -44.26 12.61
C ASN B 231 2.58 -43.85 14.09
N PRO B 232 2.27 -44.80 14.99
CA PRO B 232 1.88 -44.42 16.35
C PRO B 232 3.05 -43.98 17.21
N ALA B 233 4.26 -44.26 16.74
CA ALA B 233 5.43 -43.71 17.41
C ALA B 233 5.42 -42.17 17.35
N ALA B 234 4.86 -41.63 16.27
CA ALA B 234 4.82 -40.16 16.07
C ALA B 234 4.15 -39.40 17.19
N ALA B 235 3.51 -40.12 18.11
CA ALA B 235 2.91 -39.50 19.30
C ALA B 235 3.94 -39.02 20.30
N ALA B 236 5.22 -39.34 20.06
CA ALA B 236 6.29 -39.00 20.99
C ALA B 236 6.57 -37.50 21.03
N HIS B 237 6.54 -36.86 19.87
CA HIS B 237 6.72 -35.42 19.81
C HIS B 237 5.45 -34.74 19.30
N THR B 238 4.62 -35.48 18.57
CA THR B 238 3.32 -34.94 18.18
C THR B 238 2.27 -35.42 19.17
N THR B 239 2.10 -34.67 20.25
CA THR B 239 1.28 -35.11 21.38
C THR B 239 -0.11 -34.51 21.36
N ALA B 240 -0.34 -33.55 20.47
CA ALA B 240 -1.62 -32.85 20.39
C ALA B 240 -1.91 -32.52 18.95
N PRO B 241 -3.20 -32.50 18.57
CA PRO B 241 -3.63 -32.12 17.22
C PRO B 241 -3.23 -30.68 16.95
N GLY B 242 -3.05 -29.91 18.02
CA GLY B 242 -2.60 -28.53 17.89
C GLY B 242 -1.16 -28.40 17.42
N GLU B 243 -0.42 -29.49 17.41
CA GLU B 243 0.98 -29.45 17.01
C GLU B 243 1.23 -29.83 15.55
N ILE B 244 0.16 -30.17 14.84
CA ILE B 244 0.25 -30.52 13.43
C ILE B 244 0.54 -29.33 12.52
N ASP B 245 1.61 -29.42 11.73
CA ASP B 245 1.87 -28.46 10.66
C ASP B 245 1.04 -28.79 9.43
N PHE B 246 -0.05 -28.07 9.29
CA PHE B 246 -0.99 -28.27 8.20
C PHE B 246 -0.67 -27.39 6.99
N LEU B 247 0.58 -26.97 6.81
CA LEU B 247 0.92 -26.20 5.61
C LEU B 247 2.03 -26.85 4.79
N THR B 248 2.96 -27.35 5.53
CA THR B 248 4.17 -27.81 5.00
C THR B 248 4.40 -29.28 5.47
N PHE B 249 3.49 -29.72 6.31
CA PHE B 249 3.28 -31.11 6.69
C PHE B 249 4.52 -31.79 7.24
N LEU B 250 5.36 -30.99 7.86
CA LEU B 250 6.47 -31.51 8.58
C LEU B 250 6.03 -31.75 10.01
N ALA B 251 6.54 -32.80 10.61
CA ALA B 251 6.37 -33.02 12.03
C ALA B 251 7.43 -32.23 12.77
N VAL B 252 7.19 -31.97 14.03
CA VAL B 252 8.18 -31.28 14.84
C VAL B 252 9.58 -31.88 14.68
N ASP B 253 9.68 -33.20 14.66
CA ASP B 253 10.96 -33.89 14.49
C ASP B 253 11.73 -33.39 13.27
N GLY B 254 10.97 -32.98 12.27
CA GLY B 254 11.56 -32.47 11.05
C GLY B 254 11.13 -33.29 9.87
N ASP B 255 10.66 -34.50 10.14
CA ASP B 255 10.28 -35.41 9.08
C ASP B 255 8.80 -35.32 8.74
N PRO B 256 8.47 -35.41 7.43
CA PRO B 256 7.11 -35.34 6.93
C PRO B 256 6.19 -36.35 7.57
N TYR B 257 4.95 -35.94 7.84
CA TYR B 257 3.95 -36.92 8.27
C TYR B 257 3.95 -38.06 7.28
N GLN B 258 3.83 -39.28 7.82
CA GLN B 258 3.75 -40.51 7.05
C GLN B 258 2.36 -40.72 6.44
N GLY B 259 1.34 -40.33 7.19
CA GLY B 259 -0.03 -40.49 6.74
C GLY B 259 -0.44 -39.52 5.65
N ILE B 260 0.47 -38.67 5.21
CA ILE B 260 0.05 -37.72 4.20
C ILE B 260 0.85 -37.69 2.92
N GLN B 261 0.18 -38.06 1.85
CA GLN B 261 0.72 -37.90 0.54
C GLN B 261 0.41 -36.48 0.09
N VAL B 262 1.45 -35.64 0.00
CA VAL B 262 1.26 -34.26 -0.39
C VAL B 262 1.27 -34.20 -1.89
N LEU B 263 0.42 -33.37 -2.49
CA LEU B 263 0.47 -33.18 -3.94
C LEU B 263 1.14 -31.86 -4.28
N GLY B 264 2.08 -31.89 -5.22
CA GLY B 264 2.77 -30.68 -5.63
C GLY B 264 2.11 -29.93 -6.79
N PRO B 265 2.91 -29.17 -7.53
CA PRO B 265 2.35 -28.37 -8.62
C PRO B 265 1.99 -29.27 -9.79
N LEU B 266 2.79 -30.31 -10.01
CA LEU B 266 2.51 -31.25 -11.08
C LEU B 266 1.12 -31.84 -10.89
N ASP B 267 0.71 -31.99 -9.63
CA ASP B 267 -0.62 -32.50 -9.34
C ASP B 267 -1.60 -31.46 -8.86
N GLY B 268 -1.27 -30.19 -9.08
CA GLY B 268 -2.23 -29.11 -8.93
C GLY B 268 -2.22 -28.43 -7.58
N GLY B 269 -1.10 -28.53 -6.88
CA GLY B 269 -0.95 -27.92 -5.58
C GLY B 269 0.01 -26.73 -5.61
N ILE B 270 0.22 -26.16 -4.45
CA ILE B 270 1.18 -25.11 -4.24
C ILE B 270 2.13 -25.57 -3.15
N THR B 271 3.43 -25.50 -3.42
CA THR B 271 4.40 -25.84 -2.39
C THR B 271 4.72 -24.62 -1.55
N LEU B 272 4.09 -24.44 -0.41
CA LEU B 272 4.57 -23.48 0.52
C LEU B 272 6.03 -23.80 0.86
N GLY B 273 6.60 -22.97 1.69
CA GLY B 273 7.69 -23.20 2.62
C GLY B 273 8.42 -21.87 2.49
N LYS B 274 9.70 -21.86 2.85
CA LYS B 274 10.56 -20.66 2.84
C LYS B 274 10.68 -20.02 1.46
N ASP B 275 10.57 -20.84 0.41
CA ASP B 275 10.62 -20.32 -0.95
C ASP B 275 9.31 -20.46 -1.68
N GLY B 276 8.21 -20.63 -0.96
CA GLY B 276 6.92 -20.78 -1.59
C GLY B 276 6.24 -19.42 -1.67
N ASN B 277 6.33 -18.78 -2.82
CA ASN B 277 5.72 -17.48 -3.04
C ASN B 277 4.24 -17.61 -3.34
N ILE B 278 3.40 -16.94 -2.56
CA ILE B 278 1.99 -16.91 -2.88
C ILE B 278 1.47 -15.48 -2.87
N TYR B 279 0.74 -15.09 -3.91
CA TYR B 279 0.35 -13.70 -4.14
C TYR B 279 -1.13 -13.50 -4.02
N ALA B 280 -1.51 -12.38 -3.42
CA ALA B 280 -2.88 -11.92 -3.51
C ALA B 280 -3.25 -11.72 -4.99
N SER B 281 -4.56 -11.74 -5.26
CA SER B 281 -5.05 -11.71 -6.62
C SER B 281 -6.37 -10.95 -6.61
N GLY B 282 -6.98 -10.79 -7.78
CA GLY B 282 -8.31 -10.25 -7.87
C GLY B 282 -8.39 -8.74 -7.89
N GLY B 283 -7.23 -8.08 -7.93
CA GLY B 283 -7.19 -6.63 -7.99
C GLY B 283 -7.93 -6.14 -9.22
N THR B 284 -8.77 -5.12 -9.05
CA THR B 284 -9.39 -4.52 -10.21
C THR B 284 -8.93 -3.12 -10.31
N ASP B 285 -8.73 -2.68 -11.55
CA ASP B 285 -8.26 -1.33 -11.91
C ASP B 285 -6.79 -1.28 -12.32
N GLY B 286 -6.55 -1.45 -13.60
CA GLY B 286 -5.22 -1.48 -14.15
C GLY B 286 -4.17 -1.90 -13.15
P PO4 C . -13.20 23.53 -13.43
O1 PO4 C . -12.21 22.44 -13.76
O2 PO4 C . -13.37 23.64 -11.93
O3 PO4 C . -12.71 24.86 -13.97
O4 PO4 C . -14.54 23.20 -14.04
P PO4 D . -11.71 27.92 -2.92
O1 PO4 D . -10.98 26.62 -2.81
O2 PO4 D . -11.38 28.77 -1.71
O3 PO4 D . -11.29 28.61 -4.19
O4 PO4 D . -13.20 27.66 -2.96
C1 GOL E . -11.09 -13.84 13.58
O1 GOL E . -10.41 -14.78 12.76
C2 GOL E . -10.14 -12.94 14.40
O2 GOL E . -8.89 -12.70 13.78
C3 GOL E . -9.98 -13.52 15.80
O3 GOL E . -9.45 -12.53 16.66
#